data_8B2C
#
_entry.id   8B2C
#
_cell.length_a   42.713
_cell.length_b   47.080
_cell.length_c   105.200
_cell.angle_alpha   90.000
_cell.angle_beta   90.000
_cell.angle_gamma   90.000
#
_symmetry.space_group_name_H-M   'P 2 21 21'
#
loop_
_entity.id
_entity.type
_entity.pdbx_description
1 polymer '3-dehydroquinate dehydratase'
2 non-polymer '(1~{S},2~{R},4~{R},5~{S},6~{S})-2,4,5-trihydroxy-7-oxabicyclo[4.1.0]heptane-2-carboxylic acid'
3 non-polymer '4-(2-HYDROXYETHYL)-1-PIPERAZINE ETHANESULFONIC ACID'
4 non-polymer 'SULFATE ION'
5 water water
#
_entity_poly.entity_id   1
_entity_poly.type   'polypeptide(L)'
_entity_poly.pdbx_seq_one_letter_code
;MKTVTVKNLIIGEGMPKIIVSLMGRDINSVKAEALAYREATFDILEWRVDHFMDIASTQSVLTAARVIRDAMPDIPLLFT
FRSAKEGGEQTITTQHYLTLNRAAIDSGLVDMIDLELFTGDADVKATVDYAHAHNVYVVMSNHDFHQTPSAEEMVLRLRK
MQALGADIPKIAVMPQSKHDVLTLLTATLEMQQHYADRPVITMSMAKEGVISRLAGEVFGSAATFGAVKQASAPGQIAVN
DLRSVLMILHNA
;
_entity_poly.pdbx_strand_id   AAA
#
# COMPACT_ATOMS: atom_id res chain seq x y z
N MET A 1 9.69 -13.94 -2.37
CA MET A 1 10.74 -13.72 -1.36
C MET A 1 10.10 -13.86 0.01
N LYS A 2 10.74 -14.56 0.96
CA LYS A 2 10.24 -14.75 2.35
C LYS A 2 10.01 -13.38 3.00
N THR A 3 10.95 -12.49 2.77
CA THR A 3 10.93 -11.12 3.28
C THR A 3 11.36 -10.24 2.13
N VAL A 4 10.82 -9.05 2.14
CA VAL A 4 11.21 -7.95 1.22
C VAL A 4 12.02 -6.94 2.04
N THR A 5 13.31 -6.83 1.75
CA THR A 5 14.15 -5.81 2.41
C THR A 5 14.08 -4.55 1.55
N VAL A 6 13.69 -3.44 2.16
CA VAL A 6 13.71 -2.09 1.54
C VAL A 6 14.43 -1.12 2.50
N LYS A 7 15.46 -0.43 2.03
CA LYS A 7 16.28 0.44 2.91
C LYS A 7 16.69 -0.43 4.13
N ASN A 8 16.33 -0.04 5.35
CA ASN A 8 16.74 -0.76 6.59
CA ASN A 8 16.75 -0.74 6.59
C ASN A 8 15.56 -1.56 7.12
N LEU A 9 14.63 -1.89 6.25
CA LEU A 9 13.34 -2.42 6.71
C LEU A 9 13.16 -3.85 6.21
N ILE A 10 12.78 -4.77 7.09
CA ILE A 10 12.39 -6.15 6.70
C ILE A 10 10.86 -6.26 6.72
N ILE A 11 10.26 -6.41 5.54
CA ILE A 11 8.79 -6.60 5.44
C ILE A 11 8.50 -8.10 5.37
N GLY A 12 7.69 -8.62 6.27
CA GLY A 12 7.36 -10.05 6.27
C GLY A 12 7.81 -10.79 7.51
N GLU A 13 8.53 -10.16 8.40
CA GLU A 13 8.89 -10.75 9.71
C GLU A 13 8.73 -9.70 10.80
N GLY A 14 8.67 -10.18 12.04
CA GLY A 14 8.46 -9.35 13.24
C GLY A 14 7.11 -8.64 13.22
N MET A 15 7.07 -7.45 13.82
CA MET A 15 5.83 -6.64 13.87
C MET A 15 5.48 -6.17 12.45
N PRO A 16 4.20 -6.10 12.10
CA PRO A 16 3.80 -5.53 10.83
C PRO A 16 4.38 -4.12 10.73
N LYS A 17 4.71 -3.73 9.51
CA LYS A 17 5.30 -2.40 9.27
C LYS A 17 4.19 -1.39 9.10
N ILE A 18 4.42 -0.19 9.61
CA ILE A 18 3.40 0.89 9.68
C ILE A 18 3.58 1.82 8.48
N ILE A 19 2.55 1.93 7.65
CA ILE A 19 2.50 2.79 6.45
C ILE A 19 1.59 3.96 6.74
N VAL A 20 1.98 5.16 6.35
CA VAL A 20 1.04 6.29 6.40
C VAL A 20 0.95 6.83 4.99
N SER A 21 -0.18 7.41 4.71
CA SER A 21 -0.42 8.02 3.37
C SER A 21 -0.30 9.53 3.43
N LEU A 22 0.55 10.05 2.57
CA LEU A 22 0.67 11.51 2.40
C LEU A 22 -0.24 11.93 1.23
N MET A 23 -1.10 12.95 1.48
CA MET A 23 -2.14 13.40 0.54
C MET A 23 -1.97 14.91 0.40
N GLY A 24 -1.45 15.38 -0.71
CA GLY A 24 -1.35 16.83 -1.02
C GLY A 24 -1.89 17.13 -2.41
N ARG A 25 -2.67 18.20 -2.54
CA ARG A 25 -3.38 18.52 -3.80
C ARG A 25 -2.42 19.24 -4.75
N ASP A 26 -1.39 19.88 -4.23
CA ASP A 26 -0.40 20.63 -5.05
C ASP A 26 0.99 20.55 -4.42
N ILE A 27 1.99 21.15 -5.07
CA ILE A 27 3.39 21.05 -4.58
C ILE A 27 3.54 21.71 -3.20
N ASN A 28 2.92 22.86 -2.93
CA ASN A 28 3.02 23.53 -1.60
C ASN A 28 2.45 22.63 -0.50
N SER A 29 1.31 22.01 -0.79
CA SER A 29 0.59 21.07 0.12
C SER A 29 1.48 19.84 0.41
N VAL A 30 2.06 19.27 -0.66
CA VAL A 30 2.96 18.09 -0.52
C VAL A 30 4.11 18.48 0.40
N LYS A 31 4.75 19.63 0.17
CA LYS A 31 5.89 20.10 1.00
C LYS A 31 5.47 20.18 2.49
N ALA A 32 4.37 20.87 2.78
CA ALA A 32 3.89 21.07 4.15
C ALA A 32 3.62 19.72 4.83
N GLU A 33 2.96 18.82 4.10
CA GLU A 33 2.60 17.49 4.64
C GLU A 33 3.88 16.71 4.91
N ALA A 34 4.84 16.72 3.98
CA ALA A 34 6.12 15.99 4.19
C ALA A 34 6.78 16.52 5.46
N LEU A 35 6.75 17.84 5.67
CA LEU A 35 7.44 18.40 6.86
C LEU A 35 6.71 18.00 8.15
N ALA A 36 5.38 17.91 8.13
CA ALA A 36 4.58 17.48 9.28
C ALA A 36 4.80 15.98 9.51
N TYR A 37 4.86 15.16 8.44
CA TYR A 37 4.95 13.68 8.56
C TYR A 37 6.29 13.27 9.17
N ARG A 38 7.33 14.08 8.99
CA ARG A 38 8.65 13.63 9.51
C ARG A 38 8.71 13.82 11.01
N GLU A 39 7.65 14.32 11.65
CA GLU A 39 7.54 14.38 13.13
C GLU A 39 6.59 13.31 13.65
N ALA A 40 6.26 12.31 12.83
CA ALA A 40 5.51 11.10 13.22
C ALA A 40 6.43 9.90 13.03
N THR A 41 6.09 8.79 13.67
CA THR A 41 6.92 7.57 13.67
C THR A 41 6.18 6.49 12.89
N PHE A 42 6.82 5.97 11.85
CA PHE A 42 6.21 4.99 10.94
C PHE A 42 7.35 4.40 10.13
N ASP A 43 7.09 3.29 9.44
CA ASP A 43 8.10 2.54 8.68
C ASP A 43 8.17 2.92 7.17
N ILE A 44 7.03 3.14 6.55
CA ILE A 44 6.94 3.36 5.07
C ILE A 44 6.05 4.57 4.82
N LEU A 45 6.51 5.44 3.93
CA LEU A 45 5.67 6.56 3.45
C LEU A 45 4.99 6.11 2.16
N GLU A 46 3.67 6.16 2.15
CA GLU A 46 2.93 6.05 0.87
C GLU A 46 2.60 7.47 0.37
N TRP A 47 2.97 7.79 -0.86
CA TRP A 47 2.51 9.05 -1.49
C TRP A 47 1.29 8.75 -2.32
N ARG A 48 0.12 9.24 -1.90
CA ARG A 48 -1.13 9.02 -2.67
C ARG A 48 -1.17 10.07 -3.78
N VAL A 49 -0.57 9.73 -4.89
CA VAL A 49 -0.40 10.60 -6.08
C VAL A 49 -1.76 10.99 -6.67
N ASP A 50 -2.80 10.17 -6.49
CA ASP A 50 -4.16 10.48 -7.03
C ASP A 50 -4.69 11.74 -6.33
N HIS A 51 -4.24 12.10 -5.13
CA HIS A 51 -4.70 13.37 -4.48
C HIS A 51 -4.05 14.61 -5.10
N PHE A 52 -2.95 14.46 -5.83
CA PHE A 52 -2.24 15.52 -6.57
C PHE A 52 -3.06 15.98 -7.79
N MET A 53 -3.43 17.25 -7.87
CA MET A 53 -4.46 17.69 -8.84
C MET A 53 -3.79 18.29 -10.09
N ASP A 54 -2.49 18.09 -10.31
CA ASP A 54 -1.86 18.37 -11.62
C ASP A 54 -1.19 17.09 -12.13
N ILE A 55 -2.00 16.04 -12.24
CA ILE A 55 -1.56 14.65 -12.51
C ILE A 55 -1.11 14.57 -13.98
N ALA A 56 -1.66 15.43 -14.84
CA ALA A 56 -1.39 15.41 -16.30
C ALA A 56 0.09 15.67 -16.55
N SER A 57 0.73 16.49 -15.73
CA SER A 57 2.17 16.82 -15.85
C SER A 57 3.06 15.82 -15.11
N THR A 58 3.63 14.87 -15.85
CA THR A 58 4.61 13.89 -15.32
C THR A 58 5.75 14.61 -14.54
N GLN A 59 6.34 15.64 -15.11
CA GLN A 59 7.41 16.39 -14.40
C GLN A 59 6.89 17.07 -13.12
N SER A 60 5.68 17.62 -13.10
CA SER A 60 5.07 18.15 -11.85
C SER A 60 5.05 17.07 -10.78
N VAL A 61 4.66 15.85 -11.15
CA VAL A 61 4.61 14.71 -10.21
C VAL A 61 6.02 14.41 -9.72
N LEU A 62 7.01 14.39 -10.64
CA LEU A 62 8.41 14.08 -10.25
C LEU A 62 8.93 15.21 -9.36
N THR A 63 8.58 16.46 -9.63
CA THR A 63 9.04 17.60 -8.78
C THR A 63 8.51 17.41 -7.36
N ALA A 64 7.23 17.07 -7.21
CA ALA A 64 6.60 16.76 -5.90
C ALA A 64 7.31 15.55 -5.24
N ALA A 65 7.65 14.49 -6.00
CA ALA A 65 8.43 13.37 -5.39
C ALA A 65 9.77 13.86 -4.80
N ARG A 66 10.47 14.73 -5.51
CA ARG A 66 11.78 15.31 -5.12
C ARG A 66 11.58 16.14 -3.84
N VAL A 67 10.50 16.90 -3.71
CA VAL A 67 10.18 17.67 -2.46
C VAL A 67 9.98 16.68 -1.31
N ILE A 68 9.27 15.58 -1.54
CA ILE A 68 9.08 14.57 -0.46
C ILE A 68 10.46 14.08 -0.02
N ARG A 69 11.34 13.82 -0.99
CA ARG A 69 12.70 13.35 -0.72
C ARG A 69 13.55 14.46 -0.11
N ASP A 70 13.33 15.71 -0.48
CA ASP A 70 14.06 16.85 0.14
C ASP A 70 13.76 16.80 1.65
N ALA A 71 12.55 16.41 2.05
CA ALA A 71 12.08 16.42 3.45
C ALA A 71 12.42 15.11 4.16
N MET A 72 12.31 13.99 3.44
CA MET A 72 12.49 12.61 3.96
C MET A 72 13.29 11.85 2.91
N PRO A 73 14.62 12.08 2.88
CA PRO A 73 15.42 11.63 1.75
C PRO A 73 15.59 10.11 1.68
N ASP A 74 15.47 9.44 2.85
CA ASP A 74 15.82 8.02 3.05
C ASP A 74 14.63 7.09 3.37
N ILE A 75 13.52 7.55 3.97
CA ILE A 75 12.35 6.69 4.34
C ILE A 75 12.00 5.81 3.16
N PRO A 76 11.63 4.52 3.34
CA PRO A 76 11.05 3.79 2.23
C PRO A 76 9.84 4.57 1.69
N LEU A 77 9.83 4.79 0.37
CA LEU A 77 8.74 5.54 -0.31
C LEU A 77 8.00 4.60 -1.25
N LEU A 78 6.69 4.56 -1.09
CA LEU A 78 5.74 3.77 -1.90
C LEU A 78 4.94 4.77 -2.73
N PHE A 79 5.05 4.67 -4.05
CA PHE A 79 4.35 5.58 -4.97
C PHE A 79 3.05 4.95 -5.42
N THR A 80 1.92 5.57 -5.04
CA THR A 80 0.60 4.99 -5.28
C THR A 80 -0.35 5.99 -5.96
N PHE A 81 -0.72 5.68 -7.19
CA PHE A 81 -1.88 6.35 -7.84
C PHE A 81 -3.07 5.43 -7.63
N ARG A 82 -4.04 5.85 -6.80
CA ARG A 82 -5.25 5.04 -6.54
C ARG A 82 -6.38 5.55 -7.46
N SER A 83 -6.91 4.70 -8.31
CA SER A 83 -7.99 5.09 -9.27
C SER A 83 -9.30 5.32 -8.49
N ALA A 84 -10.15 6.24 -8.95
CA ALA A 84 -11.44 6.58 -8.30
C ALA A 84 -12.26 5.31 -8.04
N LYS A 85 -12.32 4.38 -8.97
CA LYS A 85 -13.23 3.22 -8.83
C LYS A 85 -12.71 2.28 -7.74
N GLU A 86 -11.44 2.44 -7.32
CA GLU A 86 -10.85 1.63 -6.23
C GLU A 86 -10.55 2.49 -5.00
N GLY A 87 -11.25 3.61 -4.82
CA GLY A 87 -11.14 4.40 -3.59
C GLY A 87 -10.45 5.72 -3.78
N GLY A 88 -9.91 6.01 -4.97
CA GLY A 88 -9.08 7.21 -5.15
C GLY A 88 -9.79 8.48 -5.54
N GLU A 89 -9.02 9.50 -5.88
CA GLU A 89 -9.56 10.88 -6.04
C GLU A 89 -9.80 11.21 -7.51
N GLN A 90 -9.27 10.44 -8.44
CA GLN A 90 -9.47 10.73 -9.89
C GLN A 90 -9.09 9.50 -10.72
N THR A 91 -9.29 9.64 -12.03
CA THR A 91 -9.12 8.57 -13.03
C THR A 91 -8.24 9.13 -14.13
N ILE A 92 -7.29 8.31 -14.56
CA ILE A 92 -6.40 8.69 -15.69
C ILE A 92 -6.46 7.56 -16.72
N THR A 93 -5.91 7.81 -17.90
CA THR A 93 -5.87 6.73 -18.91
C THR A 93 -4.90 5.66 -18.43
N THR A 94 -5.06 4.45 -18.94
CA THR A 94 -4.11 3.37 -18.67
C THR A 94 -2.71 3.80 -19.10
N GLN A 95 -2.61 4.41 -20.27
CA GLN A 95 -1.30 4.87 -20.79
C GLN A 95 -0.65 5.84 -19.81
N HIS A 96 -1.37 6.84 -19.31
CA HIS A 96 -0.77 7.84 -18.42
C HIS A 96 -0.43 7.16 -17.09
N TYR A 97 -1.26 6.24 -16.64
CA TYR A 97 -1.00 5.53 -15.37
C TYR A 97 0.33 4.79 -15.47
N LEU A 98 0.51 4.07 -16.56
CA LEU A 98 1.80 3.36 -16.79
C LEU A 98 2.95 4.37 -16.97
N THR A 99 2.74 5.49 -17.66
CA THR A 99 3.79 6.52 -17.80
C THR A 99 4.20 7.05 -16.42
N LEU A 100 3.24 7.35 -15.53
CA LEU A 100 3.58 7.91 -14.21
C LEU A 100 4.39 6.87 -13.44
N ASN A 101 3.99 5.60 -13.46
CA ASN A 101 4.73 4.55 -12.70
C ASN A 101 6.12 4.35 -13.30
N ARG A 102 6.24 4.39 -14.62
CA ARG A 102 7.56 4.27 -15.30
CA ARG A 102 7.55 4.28 -15.32
C ARG A 102 8.45 5.45 -14.87
N ALA A 103 7.90 6.65 -14.81
CA ALA A 103 8.64 7.87 -14.43
C ALA A 103 9.08 7.74 -12.97
N ALA A 104 8.19 7.28 -12.10
CA ALA A 104 8.49 7.04 -10.68
C ALA A 104 9.68 6.09 -10.61
N ILE A 105 9.59 4.97 -11.30
CA ILE A 105 10.64 3.93 -11.29
C ILE A 105 11.95 4.57 -11.77
N ASP A 106 11.89 5.31 -12.86
CA ASP A 106 13.12 5.83 -13.51
C ASP A 106 13.76 6.93 -12.66
N SER A 107 12.99 7.62 -11.83
CA SER A 107 13.44 8.80 -11.03
C SER A 107 14.55 8.40 -10.06
N GLY A 108 14.62 7.16 -9.60
CA GLY A 108 15.48 6.74 -8.48
C GLY A 108 15.00 7.22 -7.12
N LEU A 109 13.82 7.82 -7.03
CA LEU A 109 13.34 8.47 -5.79
C LEU A 109 12.50 7.46 -5.02
N VAL A 110 11.93 6.47 -5.71
CA VAL A 110 10.86 5.64 -5.11
C VAL A 110 11.37 4.22 -4.93
N ASP A 111 11.05 3.62 -3.79
CA ASP A 111 11.51 2.28 -3.41
C ASP A 111 10.52 1.20 -3.87
N MET A 112 9.22 1.55 -3.89
CA MET A 112 8.13 0.62 -4.23
C MET A 112 7.10 1.38 -5.06
N ILE A 113 6.41 0.68 -5.92
CA ILE A 113 5.20 1.27 -6.55
C ILE A 113 4.01 0.39 -6.23
N ASP A 114 2.82 0.98 -6.26
CA ASP A 114 1.54 0.26 -6.15
C ASP A 114 1.01 0.07 -7.56
N LEU A 115 0.64 -1.13 -7.93
CA LEU A 115 -0.02 -1.41 -9.22
C LEU A 115 -1.34 -2.07 -8.94
N GLU A 116 -2.40 -1.54 -9.52
CA GLU A 116 -3.75 -2.16 -9.36
C GLU A 116 -3.87 -3.35 -10.32
N LEU A 117 -4.15 -4.51 -9.74
CA LEU A 117 -4.30 -5.79 -10.46
C LEU A 117 -5.21 -5.60 -11.69
N PHE A 118 -6.37 -4.99 -11.51
CA PHE A 118 -7.37 -4.93 -12.62
C PHE A 118 -7.02 -3.89 -13.67
N THR A 119 -5.83 -3.28 -13.62
CA THR A 119 -5.27 -2.55 -14.77
C THR A 119 -5.25 -3.45 -16.01
N GLY A 120 -5.01 -4.75 -15.86
CA GLY A 120 -4.97 -5.68 -16.98
C GLY A 120 -3.67 -6.44 -16.98
N ASP A 121 -3.72 -7.73 -17.23
CA ASP A 121 -2.56 -8.62 -16.94
C ASP A 121 -1.33 -8.20 -17.77
N ALA A 122 -1.46 -7.98 -19.05
CA ALA A 122 -0.24 -7.74 -19.90
C ALA A 122 0.40 -6.41 -19.46
N ASP A 123 -0.41 -5.43 -19.11
CA ASP A 123 0.10 -4.08 -18.75
C ASP A 123 0.78 -4.21 -17.38
N VAL A 124 0.13 -4.90 -16.44
CA VAL A 124 0.69 -5.04 -15.08
C VAL A 124 2.01 -5.83 -15.18
N LYS A 125 2.04 -6.91 -15.94
CA LYS A 125 3.23 -7.78 -15.93
C LYS A 125 4.40 -6.97 -16.50
N ALA A 126 4.15 -6.14 -17.49
CA ALA A 126 5.22 -5.32 -18.11
C ALA A 126 5.81 -4.36 -17.08
N THR A 127 4.96 -3.70 -16.31
CA THR A 127 5.40 -2.68 -15.34
C THR A 127 6.12 -3.39 -14.20
N VAL A 128 5.62 -4.56 -13.78
CA VAL A 128 6.36 -5.37 -12.77
C VAL A 128 7.80 -5.66 -13.22
N ASP A 129 7.95 -6.16 -14.41
CA ASP A 129 9.28 -6.54 -14.94
C ASP A 129 10.16 -5.28 -15.05
N TYR A 130 9.60 -4.19 -15.49
CA TYR A 130 10.31 -2.89 -15.60
C TYR A 130 10.78 -2.44 -14.22
N ALA A 131 9.87 -2.37 -13.24
CA ALA A 131 10.24 -2.09 -11.85
C ALA A 131 11.40 -2.97 -11.40
N HIS A 132 11.27 -4.28 -11.57
CA HIS A 132 12.31 -5.22 -11.11
C HIS A 132 13.64 -4.95 -11.81
N ALA A 133 13.62 -4.60 -13.09
CA ALA A 133 14.88 -4.32 -13.82
C ALA A 133 15.55 -3.04 -13.26
N HIS A 134 14.81 -2.23 -12.52
CA HIS A 134 15.32 -0.95 -11.93
C HIS A 134 15.36 -1.04 -10.41
N ASN A 135 15.30 -2.25 -9.86
CA ASN A 135 15.45 -2.54 -8.40
C ASN A 135 14.34 -1.84 -7.62
N VAL A 136 13.15 -1.75 -8.20
CA VAL A 136 11.94 -1.24 -7.50
C VAL A 136 10.99 -2.41 -7.24
N TYR A 137 10.44 -2.44 -6.03
CA TYR A 137 9.49 -3.46 -5.58
C TYR A 137 8.08 -3.02 -5.96
N VAL A 138 7.22 -4.01 -6.14
CA VAL A 138 5.82 -3.78 -6.53
C VAL A 138 4.91 -4.33 -5.43
N VAL A 139 4.07 -3.45 -4.91
CA VAL A 139 2.88 -3.83 -4.11
C VAL A 139 1.75 -3.92 -5.12
N MET A 140 1.20 -5.09 -5.40
CA MET A 140 0.09 -5.13 -6.38
C MET A 140 -1.19 -5.12 -5.54
N SER A 141 -2.22 -4.48 -5.99
CA SER A 141 -3.33 -4.13 -5.07
C SER A 141 -4.69 -4.32 -5.70
N ASN A 142 -5.69 -4.49 -4.85
CA ASN A 142 -7.09 -4.51 -5.29
C ASN A 142 -7.89 -4.00 -4.11
N HIS A 143 -8.99 -3.30 -4.38
CA HIS A 143 -9.79 -2.64 -3.32
C HIS A 143 -11.23 -2.86 -3.65
N ASP A 144 -12.01 -3.14 -2.62
CA ASP A 144 -13.50 -3.15 -2.72
C ASP A 144 -14.03 -2.30 -1.57
N PHE A 145 -14.52 -1.11 -1.86
CA PHE A 145 -14.98 -0.14 -0.85
C PHE A 145 -16.45 -0.39 -0.55
N HIS A 146 -17.08 -1.37 -1.18
CA HIS A 146 -18.55 -1.62 -0.99
C HIS A 146 -18.82 -2.94 -0.23
N GLN A 147 -18.01 -3.95 -0.39
CA GLN A 147 -18.36 -5.29 0.12
C GLN A 147 -17.11 -6.15 0.26
N THR A 148 -17.27 -7.31 0.90
CA THR A 148 -16.19 -8.29 1.09
C THR A 148 -16.45 -9.52 0.21
N PRO A 149 -15.56 -9.84 -0.75
CA PRO A 149 -15.64 -11.09 -1.50
C PRO A 149 -15.48 -12.31 -0.63
N SER A 150 -15.78 -13.48 -1.17
CA SER A 150 -15.55 -14.72 -0.41
C SER A 150 -14.05 -14.86 -0.11
N ALA A 151 -13.71 -15.66 0.90
CA ALA A 151 -12.32 -15.99 1.19
C ALA A 151 -11.68 -16.58 -0.07
N GLU A 152 -12.35 -17.50 -0.76
CA GLU A 152 -11.81 -18.15 -1.99
C GLU A 152 -11.48 -17.08 -3.03
N GLU A 153 -12.37 -16.12 -3.28
CA GLU A 153 -12.14 -15.05 -4.29
CA GLU A 153 -12.14 -15.05 -4.29
C GLU A 153 -10.91 -14.23 -3.89
N MET A 154 -10.78 -13.88 -2.61
CA MET A 154 -9.65 -13.05 -2.11
C MET A 154 -8.37 -13.85 -2.24
N VAL A 155 -8.35 -15.13 -1.86
CA VAL A 155 -7.14 -15.96 -2.02
C VAL A 155 -6.78 -16.02 -3.50
N LEU A 156 -7.74 -16.26 -4.39
CA LEU A 156 -7.36 -16.45 -5.81
C LEU A 156 -6.89 -15.11 -6.41
N ARG A 157 -7.46 -14.02 -5.97
CA ARG A 157 -7.03 -12.66 -6.39
C ARG A 157 -5.58 -12.41 -5.97
N LEU A 158 -5.25 -12.67 -4.70
CA LEU A 158 -3.88 -12.49 -4.18
C LEU A 158 -2.92 -13.44 -4.90
N ARG A 159 -3.36 -14.66 -5.18
CA ARG A 159 -2.51 -15.65 -5.90
C ARG A 159 -2.24 -15.14 -7.32
N LYS A 160 -3.20 -14.50 -7.97
CA LYS A 160 -3.00 -14.02 -9.36
C LYS A 160 -1.97 -12.88 -9.32
N MET A 161 -1.97 -12.07 -8.26
CA MET A 161 -0.96 -10.99 -8.11
C MET A 161 0.43 -11.63 -7.98
N GLN A 162 0.53 -12.66 -7.14
CA GLN A 162 1.79 -13.42 -6.98
C GLN A 162 2.25 -13.95 -8.33
N ALA A 163 1.35 -14.57 -9.09
CA ALA A 163 1.64 -15.15 -10.41
C ALA A 163 2.15 -14.08 -11.37
N LEU A 164 1.63 -12.86 -11.26
CA LEU A 164 2.09 -11.74 -12.12
C LEU A 164 3.41 -11.11 -11.65
N GLY A 165 3.98 -11.55 -10.52
CA GLY A 165 5.32 -11.15 -10.07
C GLY A 165 5.28 -10.08 -9.00
N ALA A 166 4.10 -9.81 -8.45
CA ALA A 166 3.99 -8.88 -7.31
C ALA A 166 4.96 -9.30 -6.23
N ASP A 167 5.75 -8.37 -5.72
CA ASP A 167 6.57 -8.62 -4.50
C ASP A 167 5.64 -8.84 -3.29
N ILE A 168 4.57 -8.07 -3.20
CA ILE A 168 3.70 -8.00 -2.00
C ILE A 168 2.29 -7.78 -2.52
N PRO A 169 1.51 -8.89 -2.64
CA PRO A 169 0.08 -8.80 -2.92
C PRO A 169 -0.65 -8.07 -1.79
N LYS A 170 -1.64 -7.27 -2.18
CA LYS A 170 -2.39 -6.43 -1.22
C LYS A 170 -3.85 -6.37 -1.56
N ILE A 171 -4.71 -6.53 -0.56
CA ILE A 171 -6.15 -6.38 -0.79
C ILE A 171 -6.79 -5.66 0.39
N ALA A 172 -7.68 -4.74 0.09
CA ALA A 172 -8.49 -3.99 1.07
C ALA A 172 -9.94 -4.18 0.74
N VAL A 173 -10.77 -4.54 1.71
CA VAL A 173 -12.19 -4.87 1.41
C VAL A 173 -13.04 -4.26 2.51
N MET A 174 -14.28 -3.96 2.19
CA MET A 174 -15.20 -3.27 3.12
C MET A 174 -16.14 -4.30 3.74
N PRO A 175 -16.12 -4.41 5.08
CA PRO A 175 -17.05 -5.31 5.76
C PRO A 175 -18.44 -4.65 5.81
N GLN A 176 -19.48 -5.46 5.57
CA GLN A 176 -20.88 -5.03 5.83
C GLN A 176 -21.38 -5.65 7.12
N SER A 177 -20.57 -6.47 7.76
CA SER A 177 -20.92 -7.16 9.02
C SER A 177 -19.62 -7.52 9.73
N LYS A 178 -19.73 -7.98 10.96
CA LYS A 178 -18.53 -8.46 11.68
C LYS A 178 -18.07 -9.76 11.05
N HIS A 179 -18.95 -10.64 10.54
CA HIS A 179 -18.51 -11.91 9.93
C HIS A 179 -17.58 -11.58 8.75
N ASP A 180 -17.83 -10.48 8.02
CA ASP A 180 -16.97 -10.14 6.87
C ASP A 180 -15.54 -9.90 7.34
N VAL A 181 -15.40 -9.39 8.55
CA VAL A 181 -14.03 -9.18 9.09
C VAL A 181 -13.36 -10.55 9.26
N LEU A 182 -14.03 -11.53 9.84
CA LEU A 182 -13.48 -12.90 9.96
C LEU A 182 -13.13 -13.48 8.57
N THR A 183 -13.95 -13.23 7.55
CA THR A 183 -13.66 -13.74 6.20
C THR A 183 -12.29 -13.20 5.76
N LEU A 184 -12.05 -11.90 5.95
CA LEU A 184 -10.80 -11.26 5.50
C LEU A 184 -9.65 -11.86 6.32
N LEU A 185 -9.79 -12.04 7.63
CA LEU A 185 -8.73 -12.64 8.50
C LEU A 185 -8.45 -14.08 8.09
N THR A 186 -9.51 -14.83 7.72
CA THR A 186 -9.37 -16.23 7.27
C THR A 186 -8.56 -16.26 5.97
N ALA A 187 -8.95 -15.45 4.96
CA ALA A 187 -8.21 -15.41 3.68
C ALA A 187 -6.75 -15.08 3.91
N THR A 188 -6.49 -14.12 4.80
CA THR A 188 -5.13 -13.66 5.11
C THR A 188 -4.31 -14.83 5.63
N LEU A 189 -4.86 -15.55 6.61
CA LEU A 189 -4.14 -16.68 7.24
C LEU A 189 -3.93 -17.81 6.24
N GLU A 190 -4.87 -18.05 5.36
CA GLU A 190 -4.72 -19.07 4.29
C GLU A 190 -3.57 -18.65 3.38
N MET A 191 -3.42 -17.38 3.06
CA MET A 191 -2.28 -16.95 2.19
C MET A 191 -0.99 -17.19 2.97
N GLN A 192 -0.89 -16.70 4.20
CA GLN A 192 0.38 -16.75 4.92
C GLN A 192 0.76 -18.21 5.14
N GLN A 193 -0.20 -19.09 5.40
CA GLN A 193 0.18 -20.46 5.83
C GLN A 193 0.26 -21.40 4.66
N HIS A 194 -0.34 -21.08 3.53
CA HIS A 194 -0.54 -22.08 2.46
C HIS A 194 -0.28 -21.49 1.07
N TYR A 195 -0.90 -20.37 0.72
CA TYR A 195 -1.04 -20.06 -0.71
C TYR A 195 0.00 -19.03 -1.17
N ALA A 196 0.64 -18.31 -0.26
CA ALA A 196 1.65 -17.28 -0.59
C ALA A 196 3.07 -17.80 -0.37
N ASP A 197 4.00 -17.44 -1.27
CA ASP A 197 5.45 -17.62 -0.99
C ASP A 197 6.13 -16.26 -0.85
N ARG A 198 5.40 -15.30 -0.32
CA ARG A 198 5.85 -13.90 -0.18
C ARG A 198 4.93 -13.21 0.80
N PRO A 199 5.34 -12.06 1.36
CA PRO A 199 4.47 -11.31 2.25
C PRO A 199 3.23 -10.83 1.49
N VAL A 200 2.13 -10.75 2.24
CA VAL A 200 0.89 -10.07 1.80
C VAL A 200 0.53 -8.97 2.80
N ILE A 201 -0.23 -7.99 2.31
CA ILE A 201 -0.84 -6.94 3.12
C ILE A 201 -2.33 -7.05 2.94
N THR A 202 -3.09 -7.04 4.01
CA THR A 202 -4.55 -7.15 3.85
C THR A 202 -5.20 -6.29 4.92
N MET A 203 -6.42 -5.86 4.64
CA MET A 203 -7.20 -5.12 5.64
CA MET A 203 -7.20 -5.15 5.67
C MET A 203 -8.67 -5.19 5.31
N SER A 204 -9.46 -5.28 6.36
CA SER A 204 -10.89 -5.04 6.34
C SER A 204 -11.00 -3.58 6.81
N MET A 205 -11.66 -2.74 6.05
CA MET A 205 -11.73 -1.28 6.33
C MET A 205 -12.88 -0.98 7.30
N ALA A 206 -13.06 0.28 7.59
CA ALA A 206 -14.12 0.82 8.47
C ALA A 206 -13.85 0.44 9.93
N LYS A 207 -14.71 0.87 10.84
CA LYS A 207 -14.49 0.66 12.27
C LYS A 207 -14.46 -0.84 12.59
N GLU A 208 -15.34 -1.61 11.94
CA GLU A 208 -15.50 -3.04 12.22
C GLU A 208 -14.21 -3.75 11.86
N GLY A 209 -13.48 -3.26 10.88
CA GLY A 209 -12.27 -3.94 10.36
C GLY A 209 -11.02 -3.53 11.11
N VAL A 210 -11.09 -2.62 12.08
CA VAL A 210 -9.88 -2.06 12.75
C VAL A 210 -9.05 -3.22 13.29
N ILE A 211 -9.69 -4.26 13.82
CA ILE A 211 -8.93 -5.40 14.38
C ILE A 211 -8.00 -5.95 13.31
N SER A 212 -8.41 -5.93 12.03
CA SER A 212 -7.56 -6.49 10.94
C SER A 212 -6.29 -5.65 10.79
N ARG A 213 -6.33 -4.36 11.10
CA ARG A 213 -5.16 -3.46 11.06
C ARG A 213 -4.24 -3.65 12.27
N LEU A 214 -4.74 -4.31 13.31
CA LEU A 214 -3.97 -4.53 14.57
C LEU A 214 -3.36 -5.93 14.64
N ALA A 215 -3.93 -6.91 13.95
CA ALA A 215 -3.69 -8.37 14.20
C ALA A 215 -2.79 -8.99 13.12
N GLY A 216 -2.06 -8.18 12.37
CA GLY A 216 -1.22 -8.69 11.27
C GLY A 216 -0.19 -9.70 11.73
N GLU A 217 0.38 -9.50 12.91
CA GLU A 217 1.41 -10.42 13.38
C GLU A 217 0.75 -11.78 13.58
N VAL A 218 -0.52 -11.80 13.93
CA VAL A 218 -1.25 -13.05 14.28
C VAL A 218 -1.69 -13.76 13.01
N PHE A 219 -2.34 -13.07 12.09
CA PHE A 219 -3.07 -13.76 10.99
C PHE A 219 -2.34 -13.58 9.65
N GLY A 220 -1.30 -12.76 9.60
CA GLY A 220 -0.30 -12.82 8.52
C GLY A 220 -0.24 -11.61 7.59
N SER A 221 -0.86 -10.48 7.90
CA SER A 221 -0.58 -9.23 7.15
C SER A 221 0.75 -8.59 7.57
N ALA A 222 1.62 -8.29 6.60
CA ALA A 222 3.01 -7.86 6.88
C ALA A 222 3.10 -6.33 7.10
N ALA A 223 2.02 -5.63 6.83
CA ALA A 223 2.00 -4.15 6.96
C ALA A 223 0.59 -3.66 7.27
N THR A 224 0.49 -2.44 7.74
CA THR A 224 -0.78 -1.87 8.23
C THR A 224 -0.68 -0.36 8.13
N PHE A 225 -1.79 0.26 7.77
CA PHE A 225 -1.81 1.73 7.59
C PHE A 225 -2.42 2.42 8.81
N GLY A 226 -1.75 3.47 9.27
CA GLY A 226 -2.19 4.40 10.31
C GLY A 226 -2.36 5.82 9.78
N ALA A 227 -3.04 6.66 10.56
CA ALA A 227 -3.29 8.06 10.14
C ALA A 227 -2.36 8.96 10.96
N VAL A 228 -1.69 9.92 10.31
CA VAL A 228 -0.91 10.97 11.04
C VAL A 228 -1.93 12.00 11.54
N LYS A 229 -2.65 12.66 10.66
CA LYS A 229 -3.76 13.57 11.07
C LYS A 229 -5.07 13.16 10.39
N GLN A 230 -4.99 12.66 9.15
CA GLN A 230 -6.17 12.38 8.32
C GLN A 230 -6.01 11.00 7.68
N ALA A 231 -7.03 10.19 7.80
CA ALA A 231 -7.02 8.81 7.24
C ALA A 231 -7.15 8.87 5.72
N SER A 232 -6.45 7.99 5.02
CA SER A 232 -6.58 7.80 3.56
C SER A 232 -7.64 6.75 3.21
N ALA A 233 -8.18 6.05 4.19
CA ALA A 233 -9.33 5.15 3.99
C ALA A 233 -9.98 4.95 5.34
N PRO A 234 -11.25 4.55 5.37
CA PRO A 234 -11.93 4.30 6.64
C PRO A 234 -11.30 3.21 7.51
N GLY A 235 -11.15 3.46 8.82
CA GLY A 235 -10.66 2.44 9.76
C GLY A 235 -9.23 2.67 10.18
N GLN A 236 -8.47 3.52 9.48
CA GLN A 236 -7.11 3.84 9.92
C GLN A 236 -7.25 4.63 11.21
N ILE A 237 -6.53 4.20 12.24
CA ILE A 237 -6.47 4.91 13.53
C ILE A 237 -5.20 5.74 13.62
N ALA A 238 -5.13 6.60 14.64
CA ALA A 238 -3.91 7.35 14.95
C ALA A 238 -2.70 6.42 14.97
N VAL A 239 -1.68 6.81 14.25
CA VAL A 239 -0.48 5.97 14.07
C VAL A 239 0.21 5.69 15.42
N ASN A 240 0.14 6.57 16.41
CA ASN A 240 0.79 6.23 17.71
C ASN A 240 0.01 5.15 18.45
N ASP A 241 -1.31 5.23 18.35
CA ASP A 241 -2.20 4.20 18.95
C ASP A 241 -1.96 2.87 18.22
N LEU A 242 -1.88 2.91 16.89
CA LEU A 242 -1.58 1.67 16.11
C LEU A 242 -0.26 1.07 16.60
N ARG A 243 0.78 1.87 16.73
CA ARG A 243 2.11 1.42 17.17
C ARG A 243 1.97 0.78 18.57
N SER A 244 1.21 1.42 19.47
CA SER A 244 1.04 0.94 20.87
C SER A 244 0.52 -0.49 20.84
N VAL A 245 -0.53 -0.69 20.06
CA VAL A 245 -1.18 -2.03 19.95
C VAL A 245 -0.23 -3.04 19.32
N LEU A 246 0.44 -2.70 18.23
CA LEU A 246 1.37 -3.65 17.58
C LEU A 246 2.43 -4.10 18.59
N MET A 247 2.97 -3.16 19.36
CA MET A 247 4.03 -3.48 20.36
C MET A 247 3.47 -4.38 21.45
N ILE A 248 2.26 -4.13 21.97
CA ILE A 248 1.65 -4.99 23.01
C ILE A 248 1.45 -6.40 22.45
N LEU A 249 0.95 -6.54 21.22
CA LEU A 249 0.77 -7.89 20.62
C LEU A 249 2.11 -8.57 20.41
N HIS A 250 3.13 -7.87 19.92
CA HIS A 250 4.47 -8.44 19.65
C HIS A 250 5.05 -8.96 20.97
N ASN A 251 4.83 -8.24 22.09
CA ASN A 251 5.49 -8.55 23.39
C ASN A 251 4.63 -9.50 24.22
N ALA A 252 3.38 -9.73 23.80
CA ALA A 252 2.30 -10.33 24.61
C ALA A 252 2.15 -9.50 25.90
#